data_9C0W
#
_entry.id   9C0W
#
_cell.length_a   47.133
_cell.length_b   74.164
_cell.length_c   135.543
_cell.angle_alpha   90.00
_cell.angle_beta   90.00
_cell.angle_gamma   90.00
#
_symmetry.space_group_name_H-M   'P 21 21 21'
#
loop_
_entity.id
_entity.type
_entity.pdbx_description
1 polymer 'FMN-dependent NADH:quinone oxidoreductase 3'
2 non-polymer 'FLAVIN MONONUCLEOTIDE'
3 non-polymer 'MALACHITE GREEN'
4 water water
#
_entity_poly.entity_id   1
_entity_poly.type   'polypeptide(L)'
_entity_poly.pdbx_seq_one_letter_code
;MGSSHHHHHHSSGENLYFQGMTKVLFITANPNSAEGSFGMAVGEAFIEAYKNEHPQDEVVTIDLFNTTVPAIDADVFAAW
GKFAAGEGFEALTEAQQQKVAAMNTNLETFMHADRYVFVTPMWNFSYPPVVKAYLDNLAIAGKTFKYTENGPVGLLEGKK
ALHIQATGGVYSEGAYAAVDFGRNHLKTVLGFIGVNETEYIAVEGMNANPEKAQEIKEAAIANARELAKRF
;
_entity_poly.pdbx_strand_id   A,B
#
# COMPACT_ATOMS: atom_id res chain seq x y z
N LEU A 16 4.60 17.52 39.74
CA LEU A 16 6.04 17.38 39.70
C LEU A 16 6.68 18.54 38.95
N TYR A 17 7.92 18.88 39.31
CA TYR A 17 8.59 20.03 38.71
C TYR A 17 8.98 19.77 37.26
N PHE A 18 9.34 18.53 36.94
CA PHE A 18 9.78 18.17 35.59
C PHE A 18 8.71 17.31 34.93
N GLN A 19 8.39 17.65 33.68
CA GLN A 19 7.34 16.96 32.92
C GLN A 19 7.89 16.14 31.77
N GLY A 20 9.21 16.07 31.60
CA GLY A 20 9.78 15.31 30.50
C GLY A 20 9.71 13.81 30.75
N MET A 21 9.43 13.07 29.69
CA MET A 21 9.31 11.62 29.77
C MET A 21 9.39 11.04 28.37
N THR A 22 9.80 9.77 28.30
CA THR A 22 9.86 9.07 27.02
C THR A 22 8.45 8.78 26.52
N LYS A 23 8.19 9.11 25.26
CA LYS A 23 6.88 8.94 24.64
C LYS A 23 6.93 7.79 23.66
N VAL A 24 6.01 6.84 23.82
CA VAL A 24 5.93 5.65 22.99
C VAL A 24 4.60 5.66 22.25
N LEU A 25 4.64 5.36 20.95
CA LEU A 25 3.45 5.29 20.11
C LEU A 25 3.19 3.84 19.76
N PHE A 26 2.06 3.31 20.24
CA PHE A 26 1.64 1.95 19.92
C PHE A 26 0.69 2.05 18.73
N ILE A 27 1.27 1.94 17.53
CA ILE A 27 0.51 2.10 16.29
C ILE A 27 0.03 0.73 15.83
N THR A 28 -1.28 0.56 15.74
CA THR A 28 -1.89 -0.70 15.34
C THR A 28 -2.68 -0.49 14.05
N ALA A 29 -2.65 -1.50 13.18
CA ALA A 29 -3.38 -1.46 11.92
C ALA A 29 -4.06 -2.81 11.68
N ASN A 30 -4.85 -3.25 12.67
CA ASN A 30 -5.52 -4.54 12.58
C ASN A 30 -6.97 -4.38 13.06
N PRO A 31 -7.95 -4.70 12.21
CA PRO A 31 -9.35 -4.51 12.62
C PRO A 31 -9.78 -5.39 13.79
N ASN A 32 -9.20 -6.59 13.92
CA ASN A 32 -9.57 -7.48 15.00
C ASN A 32 -8.86 -7.07 16.30
N SER A 33 -9.37 -7.60 17.41
CA SER A 33 -8.80 -7.32 18.72
C SER A 33 -7.66 -8.29 19.01
N ALA A 34 -7.13 -8.25 20.23
CA ALA A 34 -6.01 -9.13 20.58
C ALA A 34 -6.46 -10.58 20.67
N GLU A 35 -7.73 -10.82 20.97
CA GLU A 35 -8.23 -12.20 21.07
C GLU A 35 -8.38 -12.85 19.71
N GLY A 36 -8.53 -12.06 18.65
CA GLY A 36 -8.73 -12.63 17.32
C GLY A 36 -7.61 -12.30 16.34
N SER A 37 -6.52 -11.72 16.83
CA SER A 37 -5.39 -11.35 15.99
C SER A 37 -4.10 -11.79 16.65
N PHE A 38 -3.25 -12.49 15.89
CA PHE A 38 -1.95 -12.90 16.42
C PHE A 38 -1.01 -11.72 16.54
N GLY A 39 -1.07 -10.79 15.60
CA GLY A 39 -0.21 -9.61 15.68
C GLY A 39 -0.57 -8.72 16.86
N MET A 40 -1.86 -8.50 17.09
CA MET A 40 -2.28 -7.69 18.23
C MET A 40 -1.97 -8.39 19.55
N ALA A 41 -2.03 -9.72 19.58
CA ALA A 41 -1.73 -10.44 20.81
C ALA A 41 -0.27 -10.27 21.22
N VAL A 42 0.64 -10.37 20.26
CA VAL A 42 2.05 -10.14 20.56
C VAL A 42 2.32 -8.67 20.82
N GLY A 43 1.57 -7.78 20.16
CA GLY A 43 1.77 -6.35 20.37
C GLY A 43 1.42 -5.92 21.79
N GLU A 44 0.31 -6.42 22.32
CA GLU A 44 -0.07 -6.08 23.70
C GLU A 44 0.92 -6.66 24.71
N ALA A 45 1.48 -7.84 24.42
CA ALA A 45 2.44 -8.44 25.35
C ALA A 45 3.72 -7.63 25.40
N PHE A 46 4.14 -7.05 24.28
CA PHE A 46 5.35 -6.21 24.27
C PHE A 46 5.11 -4.91 25.02
N ILE A 47 3.91 -4.34 24.88
CA ILE A 47 3.62 -3.07 25.52
C ILE A 47 3.60 -3.23 27.04
N GLU A 48 2.92 -4.28 27.53
CA GLU A 48 2.84 -4.49 28.97
C GLU A 48 4.21 -4.83 29.55
N ALA A 49 5.02 -5.60 28.82
CA ALA A 49 6.38 -5.88 29.27
C ALA A 49 7.24 -4.62 29.28
N TYR A 50 7.00 -3.71 28.33
CA TYR A 50 7.75 -2.46 28.32
C TYR A 50 7.30 -1.54 29.45
N LYS A 51 6.01 -1.56 29.78
CA LYS A 51 5.51 -0.71 30.86
C LYS A 51 6.06 -1.15 32.21
N ASN A 52 6.12 -2.47 32.44
CA ASN A 52 6.64 -2.98 33.71
C ASN A 52 8.12 -2.65 33.87
N GLU A 53 8.86 -2.60 32.76
CA GLU A 53 10.28 -2.23 32.79
C GLU A 53 10.48 -0.72 32.79
N HIS A 54 9.63 0.02 32.08
CA HIS A 54 9.75 1.48 31.94
C HIS A 54 8.50 2.14 32.50
N PRO A 55 8.45 2.39 33.81
CA PRO A 55 7.43 3.31 34.34
C PRO A 55 7.72 4.72 33.88
N GLN A 56 6.89 5.69 34.29
CA GLN A 56 7.04 7.09 33.91
C GLN A 56 6.86 7.31 32.41
N ASP A 57 7.42 6.43 31.60
CA ASP A 57 7.29 6.55 30.15
C ASP A 57 5.84 6.44 29.72
N GLU A 58 5.45 7.28 28.77
CA GLU A 58 4.07 7.33 28.30
C GLU A 58 3.90 6.48 27.06
N VAL A 59 2.77 5.77 26.98
CA VAL A 59 2.45 4.91 25.84
C VAL A 59 1.09 5.36 25.31
N VAL A 60 1.07 5.89 24.10
CA VAL A 60 -0.15 6.34 23.44
C VAL A 60 -0.47 5.38 22.31
N THR A 61 -1.71 4.89 22.28
CA THR A 61 -2.16 3.95 21.26
C THR A 61 -2.80 4.70 20.10
N ILE A 62 -2.45 4.30 18.88
CA ILE A 62 -2.97 4.90 17.66
C ILE A 62 -3.52 3.78 16.79
N ASP A 63 -4.84 3.65 16.75
CA ASP A 63 -5.50 2.68 15.88
C ASP A 63 -5.71 3.32 14.52
N LEU A 64 -4.97 2.84 13.52
CA LEU A 64 -5.04 3.42 12.18
C LEU A 64 -6.38 3.17 11.51
N PHE A 65 -7.16 2.20 11.97
CA PHE A 65 -8.48 1.96 11.42
C PHE A 65 -9.55 2.87 12.04
N ASN A 66 -9.21 3.60 13.09
CA ASN A 66 -10.11 4.57 13.71
C ASN A 66 -9.40 5.89 13.91
N THR A 67 -8.60 6.29 12.93
CA THR A 67 -7.86 7.54 12.96
C THR A 67 -7.91 8.17 11.57
N THR A 68 -8.20 9.47 11.51
CA THR A 68 -8.28 10.17 10.24
C THR A 68 -6.90 10.23 9.59
N VAL A 69 -6.74 9.52 8.48
CA VAL A 69 -5.48 9.50 7.75
C VAL A 69 -5.77 9.91 6.31
N PRO A 70 -5.72 11.20 5.99
CA PRO A 70 -6.08 11.64 4.64
C PRO A 70 -5.07 11.17 3.60
N ALA A 71 -5.57 10.55 2.54
CA ALA A 71 -4.73 10.17 1.42
C ALA A 71 -4.38 11.40 0.59
N ILE A 72 -3.18 11.38 0.02
CA ILE A 72 -2.75 12.47 -0.85
C ILE A 72 -3.62 12.46 -2.11
N ASP A 73 -4.37 13.54 -2.31
CA ASP A 73 -5.30 13.62 -3.42
C ASP A 73 -5.15 14.99 -4.09
N ALA A 74 -6.16 15.39 -4.87
CA ALA A 74 -6.10 16.67 -5.55
C ALA A 74 -6.18 17.83 -4.58
N ASP A 75 -6.92 17.68 -3.48
CA ASP A 75 -7.01 18.74 -2.48
C ASP A 75 -5.66 18.97 -1.80
N VAL A 76 -4.94 17.89 -1.49
CA VAL A 76 -3.66 18.04 -0.80
C VAL A 76 -2.62 18.67 -1.72
N PHE A 77 -2.59 18.26 -2.99
CA PHE A 77 -1.69 18.91 -3.94
C PHE A 77 -2.04 20.38 -4.12
N ALA A 78 -3.33 20.70 -4.16
CA ALA A 78 -3.74 22.10 -4.27
C ALA A 78 -3.41 22.86 -2.99
N ALA A 79 -3.54 22.21 -1.83
CA ALA A 79 -3.19 22.87 -0.57
C ALA A 79 -1.68 23.06 -0.46
N TRP A 80 -0.90 22.07 -0.88
CA TRP A 80 0.55 22.21 -0.89
C TRP A 80 1.01 23.30 -1.86
N GLY A 81 0.28 23.47 -2.97
CA GLY A 81 0.67 24.50 -3.92
C GLY A 81 0.48 25.90 -3.38
N LYS A 82 -0.64 26.15 -2.69
CA LYS A 82 -0.86 27.47 -2.11
C LYS A 82 0.14 27.77 -0.99
N PHE A 83 0.56 26.75 -0.25
CA PHE A 83 1.58 26.95 0.77
C PHE A 83 2.91 27.34 0.14
N ALA A 84 3.23 26.77 -1.02
CA ALA A 84 4.47 27.14 -1.71
C ALA A 84 4.41 28.56 -2.26
N ALA A 85 3.23 29.02 -2.64
CA ALA A 85 3.06 30.37 -3.16
C ALA A 85 3.04 31.43 -2.07
N GLY A 86 3.41 31.07 -0.84
CA GLY A 86 3.45 32.02 0.25
C GLY A 86 2.12 32.28 0.93
N GLU A 87 1.05 31.64 0.49
CA GLU A 87 -0.26 31.86 1.08
C GLU A 87 -0.43 31.06 2.37
N GLY A 88 -1.41 31.45 3.17
CA GLY A 88 -1.63 30.89 4.48
C GLY A 88 -2.72 29.84 4.51
N PHE A 89 -3.07 29.42 5.73
CA PHE A 89 -4.07 28.38 5.92
C PHE A 89 -5.46 28.86 5.53
N GLU A 90 -5.73 30.15 5.65
CA GLU A 90 -7.06 30.67 5.36
C GLU A 90 -7.39 30.64 3.86
N ALA A 91 -6.38 30.53 3.01
CA ALA A 91 -6.61 30.51 1.57
C ALA A 91 -7.16 29.17 1.09
N LEU A 92 -7.05 28.13 1.89
CA LEU A 92 -7.54 26.81 1.51
C LEU A 92 -9.05 26.72 1.67
N THR A 93 -9.67 25.85 0.88
CA THR A 93 -11.07 25.55 1.07
C THR A 93 -11.27 24.74 2.35
N GLU A 94 -12.53 24.63 2.77
CA GLU A 94 -12.82 23.90 4.01
C GLU A 94 -12.39 22.45 3.91
N ALA A 95 -12.59 21.82 2.75
CA ALA A 95 -12.18 20.43 2.57
C ALA A 95 -10.67 20.29 2.63
N GLN A 96 -9.93 21.19 1.99
CA GLN A 96 -8.47 21.15 2.05
C GLN A 96 -7.96 21.44 3.45
N GLN A 97 -8.67 22.28 4.20
CA GLN A 97 -8.26 22.60 5.57
C GLN A 97 -8.35 21.38 6.48
N GLN A 98 -9.46 20.64 6.39
CA GLN A 98 -9.64 19.48 7.25
C GLN A 98 -8.65 18.38 6.94
N LYS A 99 -8.25 18.23 5.68
CA LYS A 99 -7.29 17.19 5.32
C LYS A 99 -5.89 17.54 5.80
N VAL A 100 -5.47 18.79 5.58
CA VAL A 100 -4.13 19.21 5.99
C VAL A 100 -3.99 19.19 7.51
N ALA A 101 -5.03 19.62 8.23
CA ALA A 101 -4.99 19.61 9.68
C ALA A 101 -4.82 18.19 10.20
N ALA A 102 -5.58 17.25 9.65
CA ALA A 102 -5.46 15.85 10.08
C ALA A 102 -4.09 15.28 9.69
N MET A 103 -3.53 15.71 8.57
CA MET A 103 -2.17 15.30 8.23
C MET A 103 -1.15 15.93 9.15
N ASN A 104 -1.39 17.17 9.60
CA ASN A 104 -0.48 17.80 10.54
C ASN A 104 -0.48 17.08 11.88
N THR A 105 -1.65 16.71 12.39
CA THR A 105 -1.74 16.04 13.69
C THR A 105 -1.00 14.71 13.67
N ASN A 106 -1.21 13.91 12.62
CA ASN A 106 -0.52 12.62 12.52
C ASN A 106 1.00 12.81 12.45
N LEU A 107 1.44 13.83 11.71
CA LEU A 107 2.88 14.06 11.54
C LEU A 107 3.49 14.59 12.84
N GLU A 108 2.84 15.56 13.48
CA GLU A 108 3.40 16.15 14.70
C GLU A 108 3.45 15.14 15.83
N THR A 109 2.42 14.30 15.96
CA THR A 109 2.39 13.30 17.01
C THR A 109 3.53 12.29 16.83
N PHE A 110 3.83 11.95 15.58
CA PHE A 110 4.92 11.00 15.31
C PHE A 110 6.28 11.62 15.57
N MET A 111 6.43 12.91 15.23
CA MET A 111 7.73 13.56 15.38
C MET A 111 8.10 13.79 16.85
N HIS A 112 7.10 13.97 17.71
CA HIS A 112 7.36 14.26 19.12
C HIS A 112 7.57 13.01 19.96
N ALA A 113 7.30 11.83 19.43
CA ALA A 113 7.50 10.60 20.15
C ALA A 113 8.95 10.12 20.00
N ASP A 114 9.34 9.17 20.86
CA ASP A 114 10.68 8.63 20.87
C ASP A 114 10.75 7.16 20.48
N ARG A 115 9.68 6.40 20.71
CA ARG A 115 9.65 4.97 20.39
C ARG A 115 8.37 4.66 19.64
N TYR A 116 8.49 3.89 18.57
CA TYR A 116 7.36 3.52 17.73
C TYR A 116 7.24 2.01 17.68
N VAL A 117 6.00 1.52 17.75
CA VAL A 117 5.70 0.08 17.70
C VAL A 117 4.57 -0.12 16.69
N PHE A 118 4.89 -0.75 15.56
CA PHE A 118 3.92 -1.00 14.51
C PHE A 118 3.46 -2.45 14.56
N VAL A 119 2.15 -2.64 14.40
CA VAL A 119 1.54 -3.97 14.38
C VAL A 119 0.68 -4.05 13.12
N THR A 120 1.12 -4.84 12.14
CA THR A 120 0.43 -4.95 10.86
C THR A 120 0.28 -6.41 10.47
N PRO A 121 -0.89 -6.80 9.97
CA PRO A 121 -1.04 -8.12 9.34
C PRO A 121 -0.67 -8.05 7.86
N MET A 122 -0.31 -9.21 7.32
CA MET A 122 -0.01 -9.32 5.90
C MET A 122 -1.28 -9.66 5.14
N TRP A 123 -1.70 -8.74 4.26
CA TRP A 123 -2.82 -8.96 3.35
C TRP A 123 -2.29 -8.85 1.93
N ASN A 124 -2.16 -9.98 1.25
CA ASN A 124 -1.68 -10.03 -0.13
C ASN A 124 -0.27 -9.42 -0.24
N PHE A 125 0.65 -10.00 0.54
CA PHE A 125 2.08 -9.72 0.52
C PHE A 125 2.45 -8.33 1.03
N SER A 126 1.52 -7.62 1.67
CA SER A 126 1.82 -6.28 2.18
C SER A 126 0.87 -5.96 3.32
N TYR A 127 0.89 -4.70 3.77
CA TYR A 127 0.09 -4.24 4.90
C TYR A 127 -1.25 -3.71 4.44
N PRO A 128 -2.17 -3.46 5.36
CA PRO A 128 -3.41 -2.78 4.98
C PRO A 128 -3.12 -1.44 4.34
N PRO A 129 -3.99 -0.97 3.44
CA PRO A 129 -3.68 0.26 2.71
C PRO A 129 -3.56 1.50 3.59
N VAL A 130 -4.19 1.52 4.76
CA VAL A 130 -4.10 2.69 5.64
C VAL A 130 -2.67 2.88 6.14
N VAL A 131 -1.85 1.83 6.16
CA VAL A 131 -0.46 1.98 6.57
C VAL A 131 0.29 2.83 5.56
N LYS A 132 0.01 2.66 4.26
CA LYS A 132 0.67 3.46 3.24
C LYS A 132 0.26 4.92 3.33
N ALA A 133 -1.03 5.18 3.55
CA ALA A 133 -1.48 6.56 3.73
C ALA A 133 -0.89 7.18 4.98
N TYR A 134 -0.68 6.39 6.03
CA TYR A 134 -0.06 6.92 7.24
C TYR A 134 1.40 7.28 7.01
N LEU A 135 2.13 6.42 6.29
CA LEU A 135 3.51 6.75 5.93
C LEU A 135 3.57 7.97 5.02
N ASP A 136 2.60 8.10 4.12
CA ASP A 136 2.52 9.28 3.27
C ASP A 136 2.26 10.55 4.07
N ASN A 137 1.64 10.42 5.25
CA ASN A 137 1.48 11.56 6.15
C ASN A 137 2.76 11.91 6.89
N LEU A 138 3.68 10.96 7.04
CA LEU A 138 4.90 11.18 7.83
C LEU A 138 6.06 11.69 7.01
N ALA A 139 6.15 11.30 5.73
CA ALA A 139 7.25 11.71 4.87
C ALA A 139 6.93 13.07 4.27
N ILE A 140 7.37 14.12 4.96
CA ILE A 140 7.10 15.50 4.55
C ILE A 140 8.43 16.24 4.48
N ALA A 141 8.74 16.80 3.32
CA ALA A 141 9.98 17.54 3.16
C ALA A 141 10.00 18.76 4.08
N GLY A 142 11.16 18.99 4.70
CA GLY A 142 11.31 20.07 5.66
C GLY A 142 10.93 19.71 7.08
N LYS A 143 10.24 18.58 7.28
CA LYS A 143 9.83 18.13 8.60
C LYS A 143 10.55 16.86 9.02
N THR A 144 10.44 15.79 8.24
CA THR A 144 11.08 14.52 8.57
C THR A 144 12.29 14.21 7.68
N PHE A 145 12.45 14.92 6.57
CA PHE A 145 13.65 14.76 5.74
C PHE A 145 13.92 16.08 5.03
N LYS A 146 15.18 16.27 4.64
CA LYS A 146 15.62 17.47 3.96
C LYS A 146 16.50 17.11 2.78
N TYR A 147 16.53 17.99 1.79
CA TYR A 147 17.39 17.81 0.62
C TYR A 147 18.75 18.45 0.89
N THR A 148 19.81 17.72 0.57
CA THR A 148 21.18 18.20 0.76
C THR A 148 21.94 18.04 -0.55
N GLU A 149 23.22 18.40 -0.52
CA GLU A 149 24.07 18.23 -1.69
C GLU A 149 24.24 16.75 -2.03
N ASN A 150 24.18 15.88 -1.04
CA ASN A 150 24.34 14.45 -1.25
C ASN A 150 23.03 13.71 -1.02
N GLY A 151 21.98 14.09 -1.74
CA GLY A 151 20.70 13.43 -1.64
C GLY A 151 19.94 13.78 -0.37
N PRO A 152 18.79 13.16 -0.19
CA PRO A 152 17.98 13.44 1.00
C PRO A 152 18.60 12.85 2.26
N VAL A 153 18.24 13.45 3.39
CA VAL A 153 18.72 13.02 4.71
C VAL A 153 17.54 13.08 5.68
N GLY A 154 17.32 12.00 6.40
CA GLY A 154 16.26 11.98 7.40
C GLY A 154 16.56 12.92 8.56
N LEU A 155 15.49 13.46 9.14
CA LEU A 155 15.63 14.47 10.19
C LEU A 155 15.36 13.94 11.59
N LEU A 156 14.61 12.85 11.74
CA LEU A 156 14.30 12.32 13.05
C LEU A 156 15.54 11.66 13.66
N GLU A 157 15.92 12.10 14.85
CA GLU A 157 17.08 11.57 15.55
C GLU A 157 16.64 10.98 16.89
N GLY A 158 17.47 10.06 17.40
CA GLY A 158 17.20 9.45 18.69
C GLY A 158 15.92 8.65 18.75
N LYS A 159 15.53 8.01 17.65
CA LYS A 159 14.29 7.25 17.57
C LYS A 159 14.59 5.77 17.38
N LYS A 160 13.70 4.94 17.90
CA LYS A 160 13.75 3.49 17.70
C LYS A 160 12.36 3.00 17.32
N ALA A 161 12.31 2.02 16.43
CA ALA A 161 11.05 1.50 15.92
C ALA A 161 11.03 -0.02 15.99
N LEU A 162 9.86 -0.58 16.28
CA LEU A 162 9.64 -2.01 16.29
C LEU A 162 8.46 -2.33 15.39
N HIS A 163 8.63 -3.32 14.53
CA HIS A 163 7.56 -3.79 13.64
C HIS A 163 7.21 -5.22 13.99
N ILE A 164 5.93 -5.46 14.27
CA ILE A 164 5.42 -6.79 14.55
C ILE A 164 4.42 -7.13 13.46
N GLN A 165 4.79 -8.07 12.59
CA GLN A 165 3.95 -8.48 11.47
C GLN A 165 3.53 -9.93 11.64
N ALA A 166 2.24 -10.20 11.44
CA ALA A 166 1.69 -11.55 11.50
C ALA A 166 1.36 -12.00 10.08
N THR A 167 1.92 -13.14 9.69
CA THR A 167 1.72 -13.68 8.35
C THR A 167 1.24 -15.12 8.44
N GLY A 168 0.39 -15.52 7.49
CA GLY A 168 -0.06 -16.90 7.44
C GLY A 168 1.06 -17.85 7.10
N GLY A 169 1.83 -17.54 6.06
CA GLY A 169 2.98 -18.31 5.68
C GLY A 169 4.22 -17.90 6.45
N VAL A 170 5.38 -18.18 5.85
CA VAL A 170 6.68 -17.86 6.44
C VAL A 170 7.45 -17.00 5.46
N TYR A 171 7.83 -15.80 5.89
CA TYR A 171 8.57 -14.86 5.05
C TYR A 171 9.85 -14.34 5.69
N SER A 172 10.09 -14.60 6.98
CA SER A 172 11.21 -13.96 7.67
C SER A 172 12.56 -14.42 7.11
N GLU A 173 12.68 -15.70 6.76
CA GLU A 173 13.91 -16.25 6.25
C GLU A 173 13.66 -16.89 4.88
N GLY A 174 14.75 -17.12 4.16
CA GLY A 174 14.66 -17.75 2.85
C GLY A 174 14.44 -16.75 1.73
N ALA A 175 14.15 -17.30 0.56
CA ALA A 175 13.97 -16.49 -0.63
C ALA A 175 12.69 -15.68 -0.60
N TYR A 176 11.69 -16.09 0.18
CA TYR A 176 10.42 -15.38 0.24
C TYR A 176 10.50 -14.06 1.00
N ALA A 177 11.65 -13.71 1.56
CA ALA A 177 11.83 -12.39 2.15
C ALA A 177 11.81 -11.30 1.09
N ALA A 178 11.98 -11.66 -0.19
CA ALA A 178 11.96 -10.66 -1.24
C ALA A 178 10.54 -10.20 -1.55
N VAL A 179 9.55 -11.03 -1.29
CA VAL A 179 8.15 -10.67 -1.49
C VAL A 179 7.48 -10.28 -0.16
N ASP A 180 8.27 -9.98 0.87
CA ASP A 180 7.75 -9.46 2.13
C ASP A 180 7.65 -7.93 2.05
N PHE A 181 6.79 -7.48 1.14
CA PHE A 181 6.78 -6.07 0.75
C PHE A 181 6.33 -5.17 1.89
N GLY A 182 5.37 -5.61 2.70
CA GLY A 182 4.91 -4.79 3.81
C GLY A 182 6.01 -4.50 4.81
N ARG A 183 6.79 -5.53 5.16
CA ARG A 183 7.88 -5.34 6.11
C ARG A 183 9.00 -4.50 5.51
N ASN A 184 9.37 -4.77 4.26
CA ASN A 184 10.54 -4.11 3.67
C ASN A 184 10.25 -2.66 3.31
N HIS A 185 9.03 -2.35 2.87
CA HIS A 185 8.71 -0.97 2.55
C HIS A 185 8.61 -0.12 3.80
N LEU A 186 8.10 -0.69 4.90
CA LEU A 186 8.03 0.05 6.15
C LEU A 186 9.43 0.37 6.67
N LYS A 187 10.35 -0.58 6.57
CA LYS A 187 11.73 -0.32 6.98
C LYS A 187 12.39 0.73 6.09
N THR A 188 12.06 0.74 4.81
CA THR A 188 12.66 1.70 3.89
C THR A 188 12.23 3.12 4.20
N VAL A 189 10.93 3.32 4.45
CA VAL A 189 10.44 4.67 4.74
C VAL A 189 10.95 5.14 6.09
N LEU A 190 10.99 4.24 7.08
CA LEU A 190 11.49 4.62 8.40
C LEU A 190 12.93 5.11 8.33
N GLY A 191 13.79 4.41 7.58
CA GLY A 191 15.16 4.86 7.43
C GLY A 191 15.28 6.13 6.62
N PHE A 192 14.32 6.39 5.74
CA PHE A 192 14.39 7.60 4.91
C PHE A 192 14.11 8.85 5.74
N ILE A 193 13.33 8.73 6.81
CA ILE A 193 13.03 9.86 7.68
C ILE A 193 13.93 9.90 8.91
N GLY A 194 14.97 9.05 8.95
CA GLY A 194 15.96 9.10 10.01
C GLY A 194 15.82 8.02 11.07
N VAL A 195 14.83 7.15 10.98
CA VAL A 195 14.63 6.08 11.95
C VAL A 195 15.30 4.83 11.36
N ASN A 196 16.59 4.68 11.64
CA ASN A 196 17.35 3.56 11.10
C ASN A 196 17.53 2.41 12.09
N GLU A 197 17.38 2.67 13.38
CA GLU A 197 17.48 1.62 14.41
C GLU A 197 16.10 0.98 14.55
N THR A 198 15.93 -0.18 13.91
CA THR A 198 14.66 -0.87 13.87
C THR A 198 14.79 -2.27 14.45
N GLU A 199 13.65 -2.83 14.85
CA GLU A 199 13.56 -4.21 15.32
C GLU A 199 12.35 -4.87 14.65
N TYR A 200 12.47 -6.17 14.39
CA TYR A 200 11.42 -6.91 13.71
C TYR A 200 11.16 -8.21 14.44
N ILE A 201 9.89 -8.49 14.73
CA ILE A 201 9.45 -9.74 15.33
C ILE A 201 8.39 -10.35 14.43
N ALA A 202 8.67 -11.53 13.89
CA ALA A 202 7.75 -12.19 12.97
C ALA A 202 6.83 -13.14 13.73
N VAL A 203 5.54 -13.04 13.45
CA VAL A 203 4.56 -13.99 13.95
C VAL A 203 4.02 -14.76 12.74
N GLU A 204 4.74 -15.80 12.32
CA GLU A 204 4.52 -16.44 11.04
C GLU A 204 4.26 -17.93 11.21
N GLY A 205 3.39 -18.46 10.34
CA GLY A 205 3.15 -19.88 10.26
C GLY A 205 1.94 -20.41 10.99
N MET A 206 1.11 -19.53 11.58
CA MET A 206 -0.05 -20.00 12.33
C MET A 206 -1.11 -20.63 11.43
N ASN A 207 -1.10 -20.30 10.13
CA ASN A 207 -2.07 -20.87 9.20
C ASN A 207 -1.47 -21.87 8.23
N ALA A 208 -0.17 -21.77 7.94
CA ALA A 208 0.50 -22.82 7.16
C ALA A 208 0.54 -24.14 7.93
N ASN A 209 0.50 -24.07 9.26
CA ASN A 209 0.46 -25.28 10.10
C ASN A 209 -0.38 -24.95 11.34
N PRO A 210 -1.71 -25.04 11.21
CA PRO A 210 -2.57 -24.60 12.32
C PRO A 210 -2.44 -25.42 13.58
N GLU A 211 -1.94 -26.65 13.50
CA GLU A 211 -1.84 -27.49 14.68
C GLU A 211 -0.81 -26.97 15.68
N LYS A 212 0.16 -26.18 15.22
CA LYS A 212 1.17 -25.59 16.10
C LYS A 212 1.09 -24.07 16.08
N ALA A 213 -0.11 -23.52 15.91
CA ALA A 213 -0.26 -22.07 15.85
C ALA A 213 -0.09 -21.43 17.23
N GLN A 214 -0.52 -22.12 18.29
CA GLN A 214 -0.41 -21.55 19.63
C GLN A 214 1.03 -21.54 20.12
N GLU A 215 1.83 -22.54 19.71
CA GLU A 215 3.25 -22.53 20.06
C GLU A 215 3.98 -21.38 19.37
N ILE A 216 3.62 -21.09 18.12
CA ILE A 216 4.22 -19.97 17.40
C ILE A 216 3.85 -18.65 18.08
N LYS A 217 2.57 -18.51 18.47
CA LYS A 217 2.14 -17.32 19.18
C LYS A 217 2.86 -17.18 20.52
N GLU A 218 2.94 -18.28 21.28
CA GLU A 218 3.58 -18.22 22.59
C GLU A 218 5.07 -17.95 22.48
N ALA A 219 5.72 -18.49 21.44
CA ALA A 219 7.14 -18.22 21.24
C ALA A 219 7.37 -16.76 20.85
N ALA A 220 6.47 -16.19 20.04
CA ALA A 220 6.60 -14.79 19.68
C ALA A 220 6.36 -13.87 20.87
N ILE A 221 5.48 -14.28 21.79
CA ILE A 221 5.25 -13.49 22.99
C ILE A 221 6.51 -13.46 23.85
N ALA A 222 7.17 -14.61 24.02
CA ALA A 222 8.41 -14.65 24.78
C ALA A 222 9.51 -13.84 24.08
N ASN A 223 9.52 -13.86 22.74
CA ASN A 223 10.46 -13.03 22.00
C ASN A 223 10.19 -11.55 22.20
N ALA A 224 8.92 -11.16 22.34
CA ALA A 224 8.58 -9.75 22.55
C ALA A 224 8.90 -9.31 23.97
N ARG A 225 8.70 -10.19 24.96
CA ARG A 225 8.95 -9.81 26.35
C ARG A 225 10.44 -9.65 26.63
N GLU A 226 11.29 -10.37 25.89
CA GLU A 226 12.72 -10.20 26.08
C GLU A 226 13.21 -8.91 25.47
N LEU A 227 12.71 -8.56 24.27
CA LEU A 227 13.13 -7.33 23.61
C LEU A 227 12.72 -6.10 24.40
N ALA A 228 11.66 -6.19 25.18
CA ALA A 228 11.14 -5.02 25.90
C ALA A 228 12.11 -4.51 26.95
N LYS A 229 12.88 -5.41 27.57
CA LYS A 229 13.80 -4.99 28.63
C LYS A 229 15.00 -4.21 28.10
N ARG A 230 15.32 -4.36 26.81
CA ARG A 230 16.47 -3.68 26.22
C ARG A 230 16.09 -2.72 25.10
N PHE A 231 14.82 -2.64 24.74
CA PHE A 231 14.38 -1.76 23.66
C PHE A 231 14.48 -0.29 24.05
N GLY B 13 -10.58 -18.53 -40.65
CA GLY B 13 -9.56 -18.23 -39.68
C GLY B 13 -10.09 -18.21 -38.25
N GLU B 14 -11.38 -17.93 -38.10
CA GLU B 14 -12.01 -17.89 -36.79
C GLU B 14 -13.03 -19.01 -36.66
N ASN B 15 -14.31 -18.65 -36.68
CA ASN B 15 -15.43 -19.61 -36.65
C ASN B 15 -15.37 -20.47 -35.38
N LEU B 16 -14.98 -19.86 -34.27
CA LEU B 16 -14.93 -20.56 -32.99
C LEU B 16 -15.97 -20.00 -32.02
N TYR B 17 -15.66 -18.89 -31.37
CA TYR B 17 -16.57 -18.30 -30.38
C TYR B 17 -16.96 -16.88 -30.77
N PHE B 18 -17.54 -16.73 -31.96
CA PHE B 18 -18.06 -15.45 -32.47
C PHE B 18 -16.92 -14.44 -32.48
N GLN B 19 -17.21 -13.17 -32.21
CA GLN B 19 -16.18 -12.14 -32.19
C GLN B 19 -15.44 -12.12 -30.85
N GLY B 20 -16.18 -12.06 -29.75
CA GLY B 20 -15.57 -11.95 -28.45
C GLY B 20 -14.86 -10.62 -28.27
N MET B 21 -15.62 -9.58 -27.97
CA MET B 21 -15.06 -8.24 -27.84
C MET B 21 -14.02 -8.20 -26.73
N THR B 22 -12.85 -7.63 -27.03
CA THR B 22 -11.78 -7.51 -26.05
C THR B 22 -12.07 -6.33 -25.14
N LYS B 23 -12.14 -6.59 -23.83
CA LYS B 23 -12.36 -5.56 -22.83
C LYS B 23 -11.03 -5.12 -22.25
N VAL B 24 -10.80 -3.81 -22.21
CA VAL B 24 -9.57 -3.22 -21.70
C VAL B 24 -9.91 -2.32 -20.52
N LEU B 25 -9.16 -2.46 -19.43
CA LEU B 25 -9.35 -1.66 -18.22
C LEU B 25 -8.16 -0.72 -18.06
N PHE B 26 -8.42 0.58 -18.15
CA PHE B 26 -7.40 1.61 -17.97
C PHE B 26 -7.53 2.15 -16.55
N ILE B 27 -6.78 1.56 -15.63
CA ILE B 27 -6.86 1.89 -14.22
C ILE B 27 -5.79 2.92 -13.90
N THR B 28 -6.23 4.10 -13.45
CA THR B 28 -5.33 5.18 -13.08
C THR B 28 -5.37 5.42 -11.57
N ALA B 29 -4.22 5.80 -11.03
CA ALA B 29 -4.09 6.08 -9.60
C ALA B 29 -3.25 7.35 -9.41
N ASN B 30 -3.62 8.41 -10.13
CA ASN B 30 -2.92 9.68 -10.03
C ASN B 30 -3.96 10.81 -10.01
N PRO B 31 -3.97 11.66 -8.98
CA PRO B 31 -4.98 12.72 -8.92
C PRO B 31 -4.82 13.79 -9.97
N ASN B 32 -3.62 13.97 -10.52
CA ASN B 32 -3.39 14.95 -11.57
C ASN B 32 -3.70 14.36 -12.94
N SER B 33 -3.84 15.25 -13.92
CA SER B 33 -4.16 14.84 -15.28
C SER B 33 -2.88 14.63 -16.07
N ALA B 34 -3.01 14.43 -17.39
CA ALA B 34 -1.84 14.15 -18.22
C ALA B 34 -0.92 15.35 -18.33
N GLU B 35 -1.45 16.57 -18.19
CA GLU B 35 -0.62 17.75 -18.29
C GLU B 35 0.25 17.97 -17.07
N GLY B 36 -0.12 17.40 -15.93
CA GLY B 36 0.66 17.56 -14.72
C GLY B 36 1.16 16.25 -14.15
N SER B 37 1.27 15.23 -15.00
CA SER B 37 1.74 13.91 -14.56
C SER B 37 2.43 13.22 -15.72
N PHE B 38 3.67 12.80 -15.51
CA PHE B 38 4.39 12.07 -16.55
C PHE B 38 3.78 10.70 -16.81
N GLY B 39 3.39 10.00 -15.74
CA GLY B 39 2.80 8.68 -15.92
C GLY B 39 1.46 8.73 -16.62
N MET B 40 0.67 9.78 -16.36
CA MET B 40 -0.62 9.90 -17.03
C MET B 40 -0.46 10.26 -18.50
N ALA B 41 0.50 11.14 -18.81
CA ALA B 41 0.73 11.52 -20.21
C ALA B 41 1.17 10.32 -21.04
N VAL B 42 1.99 9.44 -20.46
CA VAL B 42 2.39 8.22 -21.15
C VAL B 42 1.24 7.23 -21.20
N GLY B 43 0.44 7.17 -20.13
CA GLY B 43 -0.70 6.27 -20.12
C GLY B 43 -1.76 6.66 -21.13
N GLU B 44 -2.06 7.95 -21.23
CA GLU B 44 -3.01 8.42 -22.23
C GLU B 44 -2.51 8.19 -23.64
N ALA B 45 -1.19 8.31 -23.86
CA ALA B 45 -0.64 8.07 -25.18
C ALA B 45 -0.74 6.60 -25.57
N PHE B 46 -0.60 5.70 -24.59
CA PHE B 46 -0.72 4.27 -24.89
C PHE B 46 -2.15 3.91 -25.26
N ILE B 47 -3.14 4.53 -24.60
CA ILE B 47 -4.54 4.22 -24.88
C ILE B 47 -4.92 4.74 -26.26
N GLU B 48 -4.54 5.98 -26.58
CA GLU B 48 -4.85 6.53 -27.89
C GLU B 48 -4.21 5.71 -29.01
N ALA B 49 -3.04 5.13 -28.76
CA ALA B 49 -2.42 4.26 -29.76
C ALA B 49 -3.08 2.89 -29.82
N TYR B 50 -3.55 2.38 -28.67
CA TYR B 50 -4.21 1.08 -28.67
C TYR B 50 -5.57 1.16 -29.33
N LYS B 51 -6.31 2.25 -29.11
CA LYS B 51 -7.63 2.40 -29.73
C LYS B 51 -7.53 2.50 -31.24
N ASN B 52 -6.45 3.11 -31.75
CA ASN B 52 -6.27 3.22 -33.19
C ASN B 52 -5.94 1.87 -33.81
N GLU B 53 -5.21 1.01 -33.09
CA GLU B 53 -4.92 -0.33 -33.62
C GLU B 53 -6.14 -1.23 -33.54
N HIS B 54 -6.91 -1.13 -32.45
CA HIS B 54 -8.10 -1.94 -32.24
C HIS B 54 -9.29 -0.99 -32.06
N PRO B 55 -9.89 -0.53 -33.16
CA PRO B 55 -11.01 0.41 -33.05
C PRO B 55 -12.26 -0.20 -32.43
N GLN B 56 -12.39 -1.53 -32.40
CA GLN B 56 -13.57 -2.18 -31.87
C GLN B 56 -13.41 -2.64 -30.43
N ASP B 57 -12.21 -2.60 -29.87
CA ASP B 57 -12.01 -3.01 -28.49
C ASP B 57 -12.57 -1.97 -27.54
N GLU B 58 -13.19 -2.45 -26.45
CA GLU B 58 -13.80 -1.57 -25.46
C GLU B 58 -12.76 -1.15 -24.43
N VAL B 59 -12.72 0.14 -24.13
CA VAL B 59 -11.78 0.71 -23.17
C VAL B 59 -12.58 1.35 -22.05
N VAL B 60 -12.53 0.77 -20.87
CA VAL B 60 -13.22 1.27 -19.68
C VAL B 60 -12.18 1.89 -18.75
N THR B 61 -12.39 3.15 -18.38
CA THR B 61 -11.48 3.88 -17.50
C THR B 61 -11.96 3.79 -16.07
N ILE B 62 -11.06 3.45 -15.16
CA ILE B 62 -11.36 3.36 -13.74
C ILE B 62 -10.36 4.24 -12.99
N ASP B 63 -10.82 5.39 -12.51
CA ASP B 63 -10.01 6.30 -11.71
C ASP B 63 -10.17 5.91 -10.24
N LEU B 64 -9.11 5.36 -9.65
CA LEU B 64 -9.18 4.88 -8.28
C LEU B 64 -9.38 6.00 -7.27
N PHE B 65 -9.02 7.25 -7.62
CA PHE B 65 -9.29 8.37 -6.74
C PHE B 65 -10.74 8.83 -6.78
N ASN B 66 -11.52 8.39 -7.76
CA ASN B 66 -12.93 8.72 -7.88
C ASN B 66 -13.76 7.47 -8.05
N THR B 67 -13.41 6.42 -7.31
CA THR B 67 -14.12 5.14 -7.35
C THR B 67 -14.19 4.59 -5.92
N THR B 68 -15.33 4.02 -5.58
CA THR B 68 -15.51 3.44 -4.25
C THR B 68 -14.67 2.18 -4.12
N VAL B 69 -13.60 2.25 -3.34
CA VAL B 69 -12.72 1.11 -3.12
C VAL B 69 -12.74 0.78 -1.63
N PRO B 70 -13.66 -0.07 -1.17
CA PRO B 70 -13.78 -0.32 0.27
C PRO B 70 -12.54 -1.02 0.81
N ALA B 71 -12.03 -0.51 1.93
CA ALA B 71 -10.90 -1.12 2.60
C ALA B 71 -11.37 -2.25 3.50
N ILE B 72 -10.54 -3.28 3.61
CA ILE B 72 -10.84 -4.41 4.48
C ILE B 72 -10.79 -3.93 5.92
N ASP B 73 -11.94 -3.90 6.59
CA ASP B 73 -12.00 -3.41 7.97
C ASP B 73 -12.82 -4.34 8.86
N ALA B 74 -13.42 -3.79 9.91
CA ALA B 74 -14.18 -4.60 10.85
C ALA B 74 -15.47 -5.12 10.22
N ASP B 75 -16.12 -4.30 9.39
CA ASP B 75 -17.35 -4.73 8.74
C ASP B 75 -17.10 -5.84 7.74
N VAL B 76 -15.96 -5.79 7.05
CA VAL B 76 -15.66 -6.80 6.05
C VAL B 76 -15.36 -8.14 6.71
N PHE B 77 -14.63 -8.13 7.83
CA PHE B 77 -14.37 -9.38 8.55
C PHE B 77 -15.65 -9.94 9.16
N ALA B 78 -16.51 -9.07 9.69
CA ALA B 78 -17.79 -9.54 10.21
C ALA B 78 -18.68 -10.10 9.11
N ALA B 79 -18.58 -9.56 7.90
CA ALA B 79 -19.33 -10.10 6.78
C ALA B 79 -18.79 -11.46 6.36
N TRP B 80 -17.47 -11.56 6.18
CA TRP B 80 -16.86 -12.84 5.83
C TRP B 80 -17.12 -13.90 6.90
N GLY B 81 -17.29 -13.48 8.15
CA GLY B 81 -17.62 -14.43 9.20
C GLY B 81 -19.02 -14.99 9.06
N LYS B 82 -19.98 -14.14 8.70
CA LYS B 82 -21.35 -14.61 8.50
C LYS B 82 -21.51 -15.36 7.18
N PHE B 83 -20.72 -15.01 6.16
CA PHE B 83 -20.75 -15.78 4.92
C PHE B 83 -20.21 -17.18 5.12
N ALA B 84 -19.13 -17.32 5.89
CA ALA B 84 -18.57 -18.63 6.16
C ALA B 84 -19.46 -19.46 7.09
N ALA B 85 -20.32 -18.81 7.87
CA ALA B 85 -21.23 -19.53 8.76
C ALA B 85 -22.39 -20.17 8.02
N GLY B 86 -22.62 -19.80 6.76
CA GLY B 86 -23.71 -20.35 5.96
C GLY B 86 -24.76 -19.34 5.57
N GLU B 87 -24.80 -18.17 6.23
CA GLU B 87 -25.78 -17.17 5.89
C GLU B 87 -25.47 -16.53 4.54
N GLY B 88 -26.48 -15.85 3.99
CA GLY B 88 -26.37 -15.18 2.71
C GLY B 88 -26.22 -13.69 2.85
N PHE B 89 -26.58 -12.98 1.78
CA PHE B 89 -26.47 -11.52 1.76
C PHE B 89 -27.53 -10.84 2.60
N GLU B 90 -28.52 -11.57 3.10
CA GLU B 90 -29.61 -10.99 3.88
C GLU B 90 -29.27 -10.83 5.36
N ALA B 91 -28.10 -11.30 5.79
CA ALA B 91 -27.73 -11.24 7.20
C ALA B 91 -26.84 -10.05 7.54
N LEU B 92 -26.17 -9.47 6.56
CA LEU B 92 -25.26 -8.36 6.83
C LEU B 92 -26.04 -7.10 7.21
N THR B 93 -25.33 -6.19 7.88
CA THR B 93 -25.91 -4.90 8.21
C THR B 93 -25.85 -3.98 6.98
N GLU B 94 -26.53 -2.83 7.09
CA GLU B 94 -26.57 -1.90 5.96
C GLU B 94 -25.18 -1.40 5.60
N ALA B 95 -24.31 -1.24 6.59
CA ALA B 95 -22.93 -0.84 6.31
C ALA B 95 -22.13 -1.98 5.70
N GLN B 96 -22.42 -3.22 6.11
CA GLN B 96 -21.72 -4.38 5.55
C GLN B 96 -22.22 -4.70 4.15
N GLN B 97 -23.51 -4.54 3.88
CA GLN B 97 -24.03 -4.81 2.55
C GLN B 97 -23.45 -3.86 1.51
N GLN B 98 -23.35 -2.58 1.87
CA GLN B 98 -22.80 -1.60 0.92
C GLN B 98 -21.33 -1.87 0.64
N LYS B 99 -20.57 -2.27 1.66
CA LYS B 99 -19.15 -2.52 1.45
C LYS B 99 -18.90 -3.79 0.65
N VAL B 100 -19.66 -4.85 0.93
CA VAL B 100 -19.45 -6.12 0.22
C VAL B 100 -19.84 -5.98 -1.25
N ALA B 101 -20.93 -5.26 -1.53
CA ALA B 101 -21.37 -5.10 -2.91
C ALA B 101 -20.36 -4.32 -3.74
N ALA B 102 -19.81 -3.24 -3.17
CA ALA B 102 -18.83 -2.43 -3.89
C ALA B 102 -17.54 -3.19 -4.12
N MET B 103 -17.21 -4.16 -3.24
CA MET B 103 -16.04 -5.00 -3.48
C MET B 103 -16.30 -5.99 -4.60
N ASN B 104 -17.53 -6.51 -4.69
CA ASN B 104 -17.88 -7.42 -5.77
C ASN B 104 -17.93 -6.70 -7.11
N THR B 105 -18.31 -5.41 -7.12
CA THR B 105 -18.35 -4.65 -8.36
C THR B 105 -16.94 -4.48 -8.92
N ASN B 106 -15.99 -4.05 -8.08
CA ASN B 106 -14.61 -3.92 -8.54
C ASN B 106 -14.01 -5.28 -8.90
N LEU B 107 -14.43 -6.34 -8.21
CA LEU B 107 -13.91 -7.67 -8.51
C LEU B 107 -14.40 -8.17 -9.86
N GLU B 108 -15.71 -8.13 -10.09
CA GLU B 108 -16.26 -8.68 -11.32
C GLU B 108 -15.94 -7.80 -12.53
N THR B 109 -15.78 -6.49 -12.32
CA THR B 109 -15.34 -5.62 -13.41
C THR B 109 -13.94 -5.98 -13.86
N PHE B 110 -13.08 -6.36 -12.92
CA PHE B 110 -11.71 -6.73 -13.25
C PHE B 110 -11.66 -8.11 -13.89
N MET B 111 -12.44 -9.05 -13.36
CA MET B 111 -12.40 -10.42 -13.88
C MET B 111 -12.94 -10.50 -15.30
N HIS B 112 -14.02 -9.78 -15.60
CA HIS B 112 -14.63 -9.83 -16.92
C HIS B 112 -13.81 -9.14 -17.98
N ALA B 113 -12.70 -8.50 -17.63
CA ALA B 113 -11.82 -7.84 -18.58
C ALA B 113 -10.69 -8.75 -19.01
N ASP B 114 -10.20 -8.54 -20.23
CA ASP B 114 -9.11 -9.34 -20.77
C ASP B 114 -7.76 -8.65 -20.69
N ARG B 115 -7.73 -7.32 -20.68
CA ARG B 115 -6.50 -6.54 -20.63
C ARG B 115 -6.57 -5.55 -19.49
N TYR B 116 -5.41 -5.28 -18.88
CA TYR B 116 -5.31 -4.37 -17.75
C TYR B 116 -4.15 -3.41 -17.97
N VAL B 117 -4.37 -2.14 -17.63
CA VAL B 117 -3.35 -1.11 -17.70
C VAL B 117 -3.36 -0.33 -16.40
N PHE B 118 -2.20 -0.26 -15.74
CA PHE B 118 -2.06 0.45 -14.47
C PHE B 118 -1.15 1.66 -14.66
N VAL B 119 -1.56 2.80 -14.10
CA VAL B 119 -0.78 4.04 -14.13
C VAL B 119 -0.70 4.55 -12.70
N THR B 120 0.50 4.49 -12.12
CA THR B 120 0.73 4.94 -10.76
C THR B 120 2.01 5.75 -10.68
N PRO B 121 2.07 6.75 -9.81
CA PRO B 121 3.35 7.38 -9.48
C PRO B 121 3.97 6.74 -8.24
N MET B 122 5.25 6.99 -8.07
CA MET B 122 5.99 6.51 -6.91
C MET B 122 5.91 7.56 -5.81
N TRP B 123 5.10 7.29 -4.78
CA TRP B 123 5.01 8.14 -3.59
C TRP B 123 5.68 7.38 -2.45
N ASN B 124 6.91 7.77 -2.12
CA ASN B 124 7.68 7.17 -1.04
C ASN B 124 7.89 5.68 -1.26
N PHE B 125 8.54 5.38 -2.39
CA PHE B 125 8.98 4.03 -2.75
C PHE B 125 7.83 3.06 -2.96
N SER B 126 6.62 3.54 -3.21
CA SER B 126 5.48 2.68 -3.47
C SER B 126 4.39 3.50 -4.16
N TYR B 127 3.21 2.92 -4.26
CA TYR B 127 2.07 3.51 -4.95
C TYR B 127 1.15 4.20 -3.96
N PRO B 128 0.17 4.97 -4.45
CA PRO B 128 -0.84 5.53 -3.56
C PRO B 128 -1.57 4.41 -2.83
N PRO B 129 -2.05 4.67 -1.61
CA PRO B 129 -2.67 3.59 -0.82
C PRO B 129 -3.91 2.98 -1.44
N VAL B 130 -4.61 3.72 -2.31
CA VAL B 130 -5.82 3.19 -2.92
C VAL B 130 -5.51 2.00 -3.83
N VAL B 131 -4.27 1.88 -4.31
CA VAL B 131 -3.89 0.74 -5.12
C VAL B 131 -3.89 -0.53 -4.28
N LYS B 132 -3.42 -0.44 -3.04
CA LYS B 132 -3.42 -1.60 -2.16
C LYS B 132 -4.83 -2.03 -1.79
N ALA B 133 -5.71 -1.05 -1.51
CA ALA B 133 -7.10 -1.39 -1.25
C ALA B 133 -7.77 -1.99 -2.49
N TYR B 134 -7.37 -1.55 -3.67
CA TYR B 134 -7.93 -2.11 -4.90
C TYR B 134 -7.42 -3.53 -5.13
N LEU B 135 -6.15 -3.79 -4.81
CA LEU B 135 -5.63 -5.15 -4.95
C LEU B 135 -6.25 -6.09 -3.92
N ASP B 136 -6.57 -5.59 -2.72
CA ASP B 136 -7.26 -6.41 -1.73
C ASP B 136 -8.70 -6.70 -2.14
N ASN B 137 -9.28 -5.88 -3.02
CA ASN B 137 -10.60 -6.15 -3.57
C ASN B 137 -10.59 -7.22 -4.64
N LEU B 138 -9.42 -7.57 -5.18
CA LEU B 138 -9.30 -8.50 -6.29
C LEU B 138 -8.87 -9.90 -5.86
N ALA B 139 -7.95 -10.01 -4.90
CA ALA B 139 -7.46 -11.31 -4.45
C ALA B 139 -8.49 -11.92 -3.52
N ILE B 140 -9.45 -12.63 -4.12
CA ILE B 140 -10.54 -13.28 -3.38
C ILE B 140 -10.45 -14.77 -3.63
N ALA B 141 -10.45 -15.55 -2.54
CA ALA B 141 -10.39 -17.00 -2.67
C ALA B 141 -11.64 -17.53 -3.36
N GLY B 142 -11.45 -18.52 -4.21
CA GLY B 142 -12.54 -19.08 -5.00
C GLY B 142 -12.95 -18.26 -6.20
N LYS B 143 -12.43 -17.04 -6.34
CA LYS B 143 -12.75 -16.17 -7.46
C LYS B 143 -11.55 -15.96 -8.38
N THR B 144 -10.46 -15.41 -7.86
CA THR B 144 -9.25 -15.18 -8.64
C THR B 144 -8.11 -16.11 -8.29
N PHE B 145 -8.23 -16.91 -7.24
CA PHE B 145 -7.21 -17.88 -6.88
C PHE B 145 -7.83 -18.95 -6.00
N LYS B 146 -7.15 -20.09 -5.92
CA LYS B 146 -7.55 -21.16 -5.02
C LYS B 146 -6.29 -21.88 -4.55
N TYR B 147 -6.45 -22.66 -3.48
CA TYR B 147 -5.35 -23.40 -2.90
C TYR B 147 -5.48 -24.87 -3.24
N THR B 148 -4.39 -25.46 -3.74
CA THR B 148 -4.32 -26.88 -4.04
C THR B 148 -3.36 -27.55 -3.07
N GLU B 149 -3.24 -28.88 -3.19
CA GLU B 149 -2.32 -29.61 -2.33
C GLU B 149 -0.86 -29.28 -2.64
N ASN B 150 -0.58 -28.69 -3.79
CA ASN B 150 0.77 -28.28 -4.15
C ASN B 150 1.01 -26.78 -3.96
N GLY B 151 0.01 -26.04 -3.47
CA GLY B 151 0.15 -24.62 -3.24
C GLY B 151 -0.92 -23.82 -3.93
N PRO B 152 -0.98 -22.52 -3.63
CA PRO B 152 -1.97 -21.65 -4.28
C PRO B 152 -1.67 -21.49 -5.77
N VAL B 153 -2.72 -21.19 -6.53
CA VAL B 153 -2.61 -21.01 -7.97
C VAL B 153 -3.70 -20.06 -8.42
N GLY B 154 -3.36 -19.15 -9.34
CA GLY B 154 -4.34 -18.20 -9.83
C GLY B 154 -5.38 -18.85 -10.73
N LEU B 155 -6.47 -18.13 -10.93
CA LEU B 155 -7.59 -18.62 -11.72
C LEU B 155 -7.84 -17.82 -13.00
N LEU B 156 -7.43 -16.56 -13.06
CA LEU B 156 -7.61 -15.76 -14.25
C LEU B 156 -6.72 -16.25 -15.38
N GLU B 157 -7.32 -16.49 -16.55
CA GLU B 157 -6.59 -16.99 -17.71
C GLU B 157 -6.82 -16.07 -18.89
N GLY B 158 -5.82 -16.01 -19.77
CA GLY B 158 -5.92 -15.19 -20.96
C GLY B 158 -5.84 -13.71 -20.71
N LYS B 159 -5.22 -13.29 -19.62
CA LYS B 159 -5.09 -11.88 -19.27
C LYS B 159 -3.69 -11.37 -19.57
N LYS B 160 -3.60 -10.08 -19.89
CA LYS B 160 -2.33 -9.41 -20.11
C LYS B 160 -2.38 -8.07 -19.39
N ALA B 161 -1.35 -7.78 -18.60
CA ALA B 161 -1.31 -6.57 -17.79
C ALA B 161 -0.11 -5.71 -18.18
N LEU B 162 -0.28 -4.39 -18.06
CA LEU B 162 0.77 -3.42 -18.29
C LEU B 162 0.79 -2.42 -17.16
N HIS B 163 1.97 -2.13 -16.64
CA HIS B 163 2.15 -1.18 -15.54
C HIS B 163 3.03 -0.04 -16.01
N ILE B 164 2.50 1.18 -15.93
CA ILE B 164 3.24 2.40 -16.23
C ILE B 164 3.46 3.13 -14.92
N GLN B 165 4.73 3.34 -14.56
CA GLN B 165 5.09 4.02 -13.32
C GLN B 165 5.99 5.20 -13.62
N ALA B 166 5.73 6.33 -12.97
CA ALA B 166 6.54 7.53 -13.08
C ALA B 166 7.26 7.76 -11.75
N THR B 167 8.59 7.78 -11.80
CA THR B 167 9.41 7.92 -10.60
C THR B 167 10.39 9.06 -10.79
N GLY B 168 10.71 9.74 -9.69
CA GLY B 168 11.69 10.82 -9.74
C GLY B 168 13.08 10.32 -10.07
N GLY B 169 13.57 9.35 -9.32
CA GLY B 169 14.85 8.73 -9.58
C GLY B 169 14.74 7.58 -10.56
N VAL B 170 15.78 6.75 -10.57
CA VAL B 170 15.85 5.58 -11.44
C VAL B 170 15.89 4.34 -10.55
N TYR B 171 14.95 3.42 -10.78
CA TYR B 171 14.84 2.20 -9.99
C TYR B 171 14.73 0.97 -10.87
N SER B 172 15.21 1.03 -12.11
CA SER B 172 15.01 -0.08 -13.03
C SER B 172 16.01 -1.21 -12.77
N GLU B 173 17.28 -0.88 -12.59
CA GLU B 173 18.34 -1.86 -12.46
C GLU B 173 19.10 -1.64 -11.14
N GLY B 174 20.06 -2.53 -10.88
CA GLY B 174 20.89 -2.41 -9.70
C GLY B 174 20.15 -2.68 -8.41
N ALA B 175 20.75 -2.22 -7.30
CA ALA B 175 20.16 -2.38 -6.00
C ALA B 175 18.96 -1.45 -5.78
N TYR B 176 18.72 -0.52 -6.70
CA TYR B 176 17.58 0.38 -6.58
C TYR B 176 16.27 -0.26 -7.00
N ALA B 177 16.31 -1.42 -7.66
CA ALA B 177 15.10 -2.13 -8.02
C ALA B 177 14.47 -2.84 -6.83
N ALA B 178 15.24 -3.15 -5.79
CA ALA B 178 14.70 -3.80 -4.60
C ALA B 178 13.78 -2.88 -3.81
N VAL B 179 13.96 -1.56 -3.92
CA VAL B 179 13.12 -0.61 -3.20
C VAL B 179 11.99 -0.06 -4.06
N ASP B 180 11.84 -0.56 -5.30
CA ASP B 180 10.71 -0.20 -6.15
C ASP B 180 9.51 -1.06 -5.76
N PHE B 181 9.02 -0.83 -4.54
CA PHE B 181 8.01 -1.71 -3.96
C PHE B 181 6.68 -1.63 -4.68
N GLY B 182 6.36 -0.47 -5.26
CA GLY B 182 5.10 -0.34 -5.96
C GLY B 182 5.02 -1.23 -7.19
N ARG B 183 6.09 -1.25 -7.98
CA ARG B 183 6.12 -2.09 -9.17
C ARG B 183 6.14 -3.57 -8.79
N ASN B 184 7.02 -3.94 -7.86
CA ASN B 184 7.21 -5.35 -7.55
C ASN B 184 6.00 -5.97 -6.88
N HIS B 185 5.37 -5.23 -5.94
CA HIS B 185 4.21 -5.78 -5.24
C HIS B 185 3.03 -5.96 -6.19
N LEU B 186 2.86 -5.04 -7.14
CA LEU B 186 1.78 -5.18 -8.11
C LEU B 186 1.99 -6.40 -9.00
N LYS B 187 3.25 -6.70 -9.33
CA LYS B 187 3.54 -7.89 -10.14
C LYS B 187 3.23 -9.17 -9.36
N THR B 188 3.58 -9.20 -8.07
CA THR B 188 3.37 -10.41 -7.28
C THR B 188 1.89 -10.73 -7.14
N VAL B 189 1.06 -9.70 -6.89
CA VAL B 189 -0.37 -9.94 -6.72
C VAL B 189 -1.02 -10.31 -8.05
N LEU B 190 -0.60 -9.65 -9.14
CA LEU B 190 -1.12 -10.01 -10.45
C LEU B 190 -0.72 -11.42 -10.85
N GLY B 191 0.54 -11.81 -10.57
CA GLY B 191 0.94 -13.17 -10.82
C GLY B 191 0.28 -14.18 -9.90
N PHE B 192 -0.18 -13.73 -8.72
CA PHE B 192 -0.84 -14.63 -7.79
C PHE B 192 -2.24 -14.99 -8.25
N ILE B 193 -2.90 -14.09 -9.00
CA ILE B 193 -4.25 -14.32 -9.47
C ILE B 193 -4.28 -14.85 -10.89
N GLY B 194 -3.15 -15.33 -11.42
CA GLY B 194 -3.07 -15.98 -12.71
C GLY B 194 -2.35 -15.17 -13.77
N VAL B 195 -2.36 -13.85 -13.67
CA VAL B 195 -1.74 -13.00 -14.66
C VAL B 195 -0.22 -13.02 -14.48
N ASN B 196 0.43 -14.01 -15.10
CA ASN B 196 1.86 -14.20 -14.92
C ASN B 196 2.70 -13.22 -15.75
N GLU B 197 2.11 -12.58 -16.76
CA GLU B 197 2.83 -11.70 -17.67
C GLU B 197 2.34 -10.27 -17.47
N THR B 198 3.18 -9.43 -16.87
CA THR B 198 2.88 -8.01 -16.67
C THR B 198 4.06 -7.21 -17.22
N GLU B 199 3.88 -6.64 -18.40
CA GLU B 199 4.91 -5.78 -18.96
C GLU B 199 4.96 -4.45 -18.20
N TYR B 200 6.10 -3.76 -18.34
CA TYR B 200 6.38 -2.58 -17.52
C TYR B 200 7.03 -1.49 -18.36
N ILE B 201 6.56 -0.26 -18.16
CA ILE B 201 7.13 0.92 -18.81
C ILE B 201 7.55 1.89 -17.69
N ALA B 202 8.79 2.34 -17.75
CA ALA B 202 9.36 3.19 -16.71
C ALA B 202 9.52 4.62 -17.24
N VAL B 203 8.88 5.57 -16.56
CA VAL B 203 9.12 6.99 -16.80
C VAL B 203 9.93 7.50 -15.62
N GLU B 204 11.25 7.39 -15.69
CA GLU B 204 12.12 7.59 -14.56
C GLU B 204 13.24 8.56 -14.90
N GLY B 205 13.71 9.27 -13.88
CA GLY B 205 14.84 10.17 -14.02
C GLY B 205 14.51 11.63 -14.25
N MET B 206 13.24 12.02 -14.15
CA MET B 206 12.89 13.42 -14.38
C MET B 206 13.38 14.30 -13.24
N ASN B 207 13.25 13.84 -11.99
CA ASN B 207 13.72 14.62 -10.86
C ASN B 207 15.21 14.48 -10.64
N ALA B 208 15.79 13.33 -11.01
CA ALA B 208 17.24 13.17 -10.91
C ALA B 208 17.96 13.99 -11.97
N ASN B 209 17.37 14.10 -13.17
CA ASN B 209 17.90 14.92 -14.26
C ASN B 209 16.78 15.82 -14.76
N PRO B 210 16.66 17.02 -14.19
CA PRO B 210 15.60 17.94 -14.65
C PRO B 210 15.78 18.41 -16.07
N GLU B 211 17.00 18.43 -16.59
CA GLU B 211 17.22 18.82 -17.98
C GLU B 211 16.75 17.76 -18.97
N LYS B 212 16.66 16.51 -18.54
CA LYS B 212 16.17 15.42 -19.38
C LYS B 212 14.72 15.08 -19.13
N ALA B 213 13.98 15.97 -18.45
CA ALA B 213 12.58 15.68 -18.12
C ALA B 213 11.74 15.48 -19.36
N GLN B 214 11.91 16.37 -20.36
CA GLN B 214 11.16 16.24 -21.60
C GLN B 214 11.73 15.13 -22.49
N GLU B 215 13.04 14.92 -22.46
CA GLU B 215 13.63 13.84 -23.25
C GLU B 215 13.18 12.48 -22.75
N ILE B 216 13.15 12.30 -21.43
CA ILE B 216 12.70 11.03 -20.87
C ILE B 216 11.21 10.83 -21.12
N LYS B 217 10.41 11.88 -20.93
CA LYS B 217 8.97 11.78 -21.19
C LYS B 217 8.70 11.47 -22.65
N GLU B 218 9.40 12.15 -23.57
CA GLU B 218 9.17 11.92 -24.99
C GLU B 218 9.62 10.53 -25.42
N ALA B 219 10.70 10.02 -24.82
CA ALA B 219 11.16 8.67 -25.16
C ALA B 219 10.21 7.61 -24.62
N ALA B 220 9.63 7.85 -23.44
CA ALA B 220 8.69 6.89 -22.87
C ALA B 220 7.36 6.91 -23.60
N ILE B 221 6.96 8.06 -24.14
CA ILE B 221 5.73 8.13 -24.92
C ILE B 221 5.86 7.32 -26.20
N ALA B 222 7.01 7.44 -26.89
CA ALA B 222 7.23 6.64 -28.09
C ALA B 222 7.33 5.16 -27.76
N ASN B 223 7.86 4.82 -26.58
CA ASN B 223 7.93 3.42 -26.17
C ASN B 223 6.53 2.86 -25.94
N ALA B 224 5.62 3.67 -25.40
CA ALA B 224 4.25 3.21 -25.18
C ALA B 224 3.49 3.07 -26.50
N ARG B 225 3.80 3.90 -27.49
CA ARG B 225 3.13 3.79 -28.78
C ARG B 225 3.59 2.56 -29.54
N GLU B 226 4.88 2.23 -29.46
CA GLU B 226 5.38 1.03 -30.12
C GLU B 226 4.87 -0.24 -29.42
N LEU B 227 4.71 -0.20 -28.11
CA LEU B 227 4.20 -1.36 -27.39
C LEU B 227 2.72 -1.59 -27.66
N ALA B 228 1.98 -0.52 -27.96
CA ALA B 228 0.54 -0.64 -28.17
C ALA B 228 0.19 -1.41 -29.43
N LYS B 229 1.12 -1.57 -30.36
CA LYS B 229 0.84 -2.32 -31.58
C LYS B 229 0.79 -3.83 -31.36
N ARG B 230 1.46 -4.34 -30.33
CA ARG B 230 1.48 -5.77 -30.05
C ARG B 230 0.77 -6.16 -28.77
N PHE B 231 0.50 -5.22 -27.88
CA PHE B 231 -0.20 -5.52 -26.63
C PHE B 231 -1.63 -5.96 -26.89
#